data_5DMN
#
_entry.id   5DMN
#
_cell.length_a   85.822
_cell.length_b   85.945
_cell.length_c   79.016
_cell.angle_alpha   90.00
_cell.angle_beta   90.00
_cell.angle_gamma   90.00
#
_symmetry.space_group_name_H-M   'P 21 21 2'
#
loop_
_entity.id
_entity.type
_entity.pdbx_description
1 polymer 'Homocysteine S-methyltransferase'
2 non-polymer 'SULFATE ION'
3 water water
#
_entity_poly.entity_id   1
_entity_poly.type   'polypeptide(L)'
_entity_poly.pdbx_seq_one_letter_code
;MSQNNPLRALLDKQDILLLDGAMATELEARGCNLADSLWSAKVLVENPELIREVHLDYYRAGAQCAITASYQATPAGFAA
RGLDEAQSKALIGKSVELARKAREAYLAENPQAGTLLVAGSVGPYGAYLADGSEYRGDYHCSVEAFQAFHRPRVEALLDA
GADLLACETLPNFSEIEALAELLTAYPRARAWFSFTLRDSEHLSDGTPLRDVVALLAGYPQVVALGINCIALENTTAALQ
HLHGLTVLPLVVYPNSGEHYDAVSKTWHHHGEHCAQLADYLPQWQAAGARLIGGCCRTTPADIAALKARS
;
_entity_poly.pdbx_strand_id   A,B
#
loop_
_chem_comp.id
_chem_comp.type
_chem_comp.name
_chem_comp.formula
SO4 non-polymer 'SULFATE ION' 'O4 S -2'
#
# COMPACT_ATOMS: atom_id res chain seq x y z
N ASN A 5 23.14 -13.40 18.80
CA ASN A 5 21.70 -13.35 18.63
C ASN A 5 21.24 -12.00 18.08
N PRO A 6 20.75 -11.98 16.84
CA PRO A 6 20.25 -10.76 16.21
C PRO A 6 18.96 -10.23 16.85
N LEU A 7 18.27 -11.09 17.58
CA LEU A 7 16.96 -10.73 18.15
C LEU A 7 17.10 -10.21 19.57
N ARG A 8 18.25 -10.45 20.18
CA ARG A 8 18.44 -10.12 21.58
C ARG A 8 18.48 -8.61 21.80
N ALA A 9 19.14 -7.91 20.89
CA ALA A 9 19.21 -6.46 20.94
C ALA A 9 17.83 -5.83 20.95
N LEU A 10 16.92 -6.36 20.14
CA LEU A 10 15.59 -5.77 20.00
C LEU A 10 14.61 -6.23 21.07
N LEU A 11 14.65 -7.51 21.42
CA LEU A 11 13.68 -8.06 22.36
C LEU A 11 13.92 -7.59 23.80
N ASP A 12 15.04 -6.91 24.04
CA ASP A 12 15.32 -6.34 25.35
C ASP A 12 14.73 -4.93 25.51
N LYS A 13 14.29 -4.35 24.40
CA LYS A 13 13.79 -2.97 24.42
C LYS A 13 12.29 -2.87 24.11
N GLN A 14 11.73 -3.88 23.45
CA GLN A 14 10.34 -3.82 23.04
C GLN A 14 9.68 -5.18 23.06
N ASP A 15 8.38 -5.20 23.32
CA ASP A 15 7.63 -6.44 23.42
C ASP A 15 7.39 -7.08 22.05
N ILE A 16 7.14 -6.25 21.04
CA ILE A 16 6.81 -6.76 19.71
C ILE A 16 7.87 -6.38 18.67
N LEU A 17 8.34 -7.38 17.93
CA LEU A 17 9.22 -7.15 16.79
C LEU A 17 8.38 -7.31 15.54
N LEU A 18 8.35 -6.29 14.70
CA LEU A 18 7.49 -6.31 13.51
C LEU A 18 8.18 -6.84 12.26
N LEU A 19 7.48 -7.70 11.53
CA LEU A 19 7.98 -8.26 10.29
C LEU A 19 7.33 -7.52 9.12
N ASP A 20 7.67 -7.89 7.89
CA ASP A 20 7.08 -7.27 6.73
C ASP A 20 5.95 -8.16 6.24
N GLY A 21 5.53 -7.96 5.00
CA GLY A 21 4.45 -8.74 4.41
C GLY A 21 4.79 -9.28 3.04
N ALA A 22 3.76 -9.66 2.29
CA ALA A 22 3.94 -10.19 0.94
C ALA A 22 4.69 -9.19 0.07
N MET A 23 5.13 -9.67 -1.09
CA MET A 23 5.90 -8.89 -2.03
C MET A 23 5.07 -8.67 -3.28
N ALA A 24 4.37 -9.73 -3.68
CA ALA A 24 3.58 -9.74 -4.91
C ALA A 24 2.56 -8.60 -5.00
N THR A 25 1.93 -8.29 -3.88
CA THR A 25 0.89 -7.24 -3.84
C THR A 25 1.41 -5.86 -4.26
N GLU A 26 2.56 -5.48 -3.72
CA GLU A 26 3.19 -4.21 -4.06
C GLU A 26 3.67 -4.20 -5.50
N LEU A 27 4.19 -5.33 -5.96
CA LEU A 27 4.68 -5.45 -7.32
C LEU A 27 3.55 -5.37 -8.33
N GLU A 28 2.43 -5.99 -8.01
CA GLU A 28 1.25 -5.91 -8.87
C GLU A 28 0.81 -4.47 -9.04
N ALA A 29 0.93 -3.68 -7.97
CA ALA A 29 0.55 -2.27 -8.01
C ALA A 29 1.44 -1.50 -8.98
N ARG A 30 2.70 -1.91 -9.09
CA ARG A 30 3.65 -1.25 -9.98
C ARG A 30 3.66 -1.84 -11.39
N GLY A 31 2.80 -2.83 -11.62
CA GLY A 31 2.62 -3.39 -12.95
C GLY A 31 3.48 -4.61 -13.26
N CYS A 32 3.62 -5.50 -12.28
CA CYS A 32 4.39 -6.74 -12.43
C CYS A 32 3.55 -7.99 -12.69
N ASN A 33 4.21 -9.03 -13.21
CA ASN A 33 3.57 -10.33 -13.40
C ASN A 33 4.02 -11.34 -12.35
N SER A 40 9.37 -16.79 -11.54
CA SER A 40 9.02 -15.64 -10.71
C SER A 40 10.23 -14.72 -10.48
N ALA A 41 11.43 -15.29 -10.48
CA ALA A 41 12.64 -14.51 -10.18
C ALA A 41 13.21 -13.78 -11.40
N LYS A 42 12.31 -13.35 -12.30
CA LYS A 42 12.67 -12.50 -13.44
C LYS A 42 12.85 -11.05 -13.00
N VAL A 43 12.17 -10.69 -11.91
CA VAL A 43 12.16 -9.32 -11.43
C VAL A 43 13.50 -8.93 -10.79
N LEU A 44 14.24 -9.94 -10.33
CA LEU A 44 15.54 -9.70 -9.73
C LEU A 44 16.56 -9.23 -10.77
N VAL A 45 16.30 -9.55 -12.02
CA VAL A 45 17.19 -9.18 -13.09
C VAL A 45 16.67 -7.96 -13.83
N GLU A 46 15.37 -7.96 -14.09
CA GLU A 46 14.77 -6.93 -14.93
C GLU A 46 14.28 -5.70 -14.18
N ASN A 47 13.77 -5.89 -12.98
CA ASN A 47 13.26 -4.78 -12.17
C ASN A 47 13.76 -4.79 -10.73
N PRO A 48 15.08 -4.75 -10.52
CA PRO A 48 15.59 -4.85 -9.15
C PRO A 48 15.24 -3.62 -8.32
N GLU A 49 15.06 -2.48 -8.98
CA GLU A 49 14.75 -1.23 -8.30
C GLU A 49 13.40 -1.32 -7.59
N LEU A 50 12.42 -1.98 -8.21
CA LEU A 50 11.10 -2.16 -7.62
C LEU A 50 11.18 -2.92 -6.29
N ILE A 51 11.92 -4.03 -6.31
CA ILE A 51 12.12 -4.85 -5.13
C ILE A 51 12.86 -4.07 -4.04
N ARG A 52 13.73 -3.16 -4.46
CA ARG A 52 14.41 -2.29 -3.52
C ARG A 52 13.40 -1.37 -2.82
N GLU A 53 12.43 -0.89 -3.60
CA GLU A 53 11.46 0.10 -3.12
C GLU A 53 10.40 -0.51 -2.21
N VAL A 54 9.96 -1.72 -2.55
CA VAL A 54 8.98 -2.44 -1.74
C VAL A 54 9.50 -2.70 -0.34
N HIS A 55 10.78 -3.06 -0.24
CA HIS A 55 11.39 -3.26 1.07
C HIS A 55 11.46 -1.96 1.84
N LEU A 56 11.75 -0.87 1.13
CA LEU A 56 11.81 0.45 1.76
C LEU A 56 10.43 0.85 2.33
N ASP A 57 9.38 0.47 1.62
CA ASP A 57 8.02 0.77 2.04
C ASP A 57 7.67 0.08 3.36
N TYR A 58 8.10 -1.17 3.49
CA TYR A 58 7.79 -1.94 4.69
C TYR A 58 8.56 -1.41 5.88
N TYR A 59 9.80 -1.02 5.66
CA TYR A 59 10.58 -0.39 6.72
C TYR A 59 9.89 0.88 7.18
N ARG A 60 9.30 1.61 6.23
CA ARG A 60 8.59 2.85 6.54
C ARG A 60 7.30 2.59 7.31
N ALA A 61 6.56 1.57 6.89
CA ALA A 61 5.29 1.20 7.53
C ALA A 61 5.48 0.74 8.99
N GLY A 62 6.71 0.33 9.32
CA GLY A 62 7.03 0.00 10.69
C GLY A 62 7.69 -1.35 10.89
N ALA A 63 7.94 -2.06 9.79
CA ALA A 63 8.60 -3.37 9.88
C ALA A 63 10.04 -3.20 10.32
N GLN A 64 10.51 -4.13 11.15
CA GLN A 64 11.87 -4.08 11.66
C GLN A 64 12.69 -5.24 11.11
N CYS A 65 12.04 -6.13 10.38
CA CYS A 65 12.73 -7.23 9.73
C CYS A 65 12.17 -7.49 8.34
N ALA A 66 13.05 -7.51 7.36
CA ALA A 66 12.63 -7.75 5.98
C ALA A 66 12.88 -9.21 5.58
N ILE A 67 11.96 -9.79 4.81
CA ILE A 67 12.10 -11.17 4.37
C ILE A 67 12.10 -11.27 2.84
N THR A 68 13.06 -12.01 2.29
CA THR A 68 13.51 -11.88 0.90
C THR A 68 12.54 -12.27 -0.24
N ALA A 69 12.80 -11.73 -1.43
CA ALA A 69 12.04 -12.04 -2.65
C ALA A 69 12.63 -13.19 -3.50
N SER A 70 12.00 -13.41 -4.65
CA SER A 70 12.49 -14.32 -5.71
C SER A 70 12.59 -15.80 -5.35
N TYR A 71 11.47 -16.52 -5.44
CA TYR A 71 11.48 -17.93 -5.09
C TYR A 71 11.66 -18.80 -6.33
N ALA A 79 17.36 -19.31 -7.84
CA ALA A 79 17.38 -20.51 -8.68
C ALA A 79 16.53 -20.34 -9.93
N ALA A 80 16.74 -21.24 -10.91
CA ALA A 80 16.03 -21.21 -12.20
C ALA A 80 16.50 -22.29 -13.17
N ARG A 81 15.59 -22.71 -14.07
CA ARG A 81 15.93 -23.67 -15.13
C ARG A 81 16.84 -23.01 -16.17
N GLY A 82 18.04 -23.53 -16.35
CA GLY A 82 18.97 -22.98 -17.32
C GLY A 82 20.24 -22.50 -16.68
N LEU A 83 20.17 -22.24 -15.37
CA LEU A 83 21.33 -21.77 -14.60
C LEU A 83 21.95 -22.89 -13.77
N ASP A 84 23.28 -22.85 -13.61
CA ASP A 84 23.95 -23.82 -12.76
C ASP A 84 23.74 -23.36 -11.31
N GLU A 85 24.40 -23.97 -10.34
CA GLU A 85 24.05 -23.62 -8.97
C GLU A 85 24.87 -22.42 -8.49
N ALA A 86 25.81 -21.97 -9.32
CA ALA A 86 26.60 -20.79 -8.98
C ALA A 86 25.88 -19.52 -9.44
N GLN A 87 24.99 -19.68 -10.41
CA GLN A 87 24.22 -18.55 -10.91
C GLN A 87 23.01 -18.34 -10.01
N SER A 88 22.47 -19.44 -9.50
CA SER A 88 21.33 -19.39 -8.62
C SER A 88 21.64 -18.62 -7.34
N LYS A 89 22.83 -18.87 -6.78
CA LYS A 89 23.22 -18.22 -5.53
C LYS A 89 23.45 -16.74 -5.77
N ALA A 90 23.88 -16.37 -6.96
CA ALA A 90 24.07 -14.96 -7.28
C ALA A 90 22.72 -14.27 -7.35
N LEU A 91 21.73 -14.99 -7.86
CA LEU A 91 20.36 -14.54 -7.88
C LEU A 91 19.78 -14.48 -6.48
N ILE A 92 19.87 -15.60 -5.76
CA ILE A 92 19.36 -15.65 -4.39
C ILE A 92 20.06 -14.60 -3.53
N GLY A 93 21.37 -14.48 -3.68
CA GLY A 93 22.13 -13.49 -2.94
C GLY A 93 21.71 -12.07 -3.26
N LYS A 94 21.36 -11.82 -4.52
CA LYS A 94 20.98 -10.48 -4.96
C LYS A 94 19.75 -9.99 -4.21
N SER A 95 18.82 -10.90 -3.89
CA SER A 95 17.59 -10.50 -3.20
C SER A 95 17.91 -10.01 -1.78
N VAL A 96 18.92 -10.61 -1.16
CA VAL A 96 19.36 -10.16 0.16
C VAL A 96 20.05 -8.80 0.04
N GLU A 97 20.86 -8.63 -0.99
CA GLU A 97 21.57 -7.39 -1.19
C GLU A 97 20.59 -6.23 -1.32
N LEU A 98 19.54 -6.44 -2.09
CA LEU A 98 18.52 -5.40 -2.32
C LEU A 98 17.83 -5.02 -1.02
N ALA A 99 17.50 -6.01 -0.22
CA ALA A 99 16.90 -5.75 1.08
C ALA A 99 17.85 -4.96 1.98
N ARG A 100 19.15 -5.14 1.76
CA ARG A 100 20.17 -4.44 2.53
C ARG A 100 20.29 -2.99 2.08
N LYS A 101 20.14 -2.77 0.77
CA LYS A 101 20.22 -1.41 0.21
C LYS A 101 19.08 -0.54 0.74
N ALA A 102 17.87 -1.12 0.74
CA ALA A 102 16.70 -0.44 1.27
C ALA A 102 16.88 -0.09 2.75
N ARG A 103 17.51 -1.00 3.49
CA ARG A 103 17.73 -0.78 4.93
C ARG A 103 18.66 0.40 5.18
N GLU A 104 19.72 0.49 4.39
CA GLU A 104 20.64 1.61 4.51
C GLU A 104 19.90 2.91 4.19
N ALA A 105 19.10 2.85 3.13
CA ALA A 105 18.30 4.00 2.69
C ALA A 105 17.38 4.50 3.79
N TYR A 106 16.78 3.57 4.52
CA TYR A 106 15.87 3.93 5.60
C TYR A 106 16.63 4.49 6.80
N LEU A 107 17.83 3.97 7.05
CA LEU A 107 18.61 4.44 8.19
C LEU A 107 19.18 5.82 7.93
N ALA A 108 19.22 6.21 6.67
CA ALA A 108 19.64 7.55 6.30
C ALA A 108 18.48 8.52 6.53
N GLU A 109 17.28 8.09 6.18
CA GLU A 109 16.07 8.89 6.34
C GLU A 109 15.74 9.10 7.81
N ASN A 110 15.57 8.00 8.54
CA ASN A 110 15.28 8.04 9.97
C ASN A 110 16.38 7.35 10.78
N PRO A 111 17.38 8.12 11.21
CA PRO A 111 18.53 7.57 11.96
C PRO A 111 18.10 7.01 13.31
N GLN A 112 16.99 7.52 13.84
CA GLN A 112 16.51 7.14 15.17
C GLN A 112 15.64 5.88 15.13
N ALA A 113 15.80 5.07 14.08
CA ALA A 113 14.91 3.94 13.86
C ALA A 113 15.34 2.66 14.58
N GLY A 114 16.53 2.67 15.18
CA GLY A 114 16.98 1.51 15.93
C GLY A 114 17.59 0.44 15.04
N THR A 115 17.56 -0.80 15.51
CA THR A 115 18.16 -1.92 14.78
C THR A 115 17.19 -2.59 13.81
N LEU A 116 17.59 -2.69 12.55
CA LEU A 116 16.77 -3.37 11.54
C LEU A 116 17.50 -4.60 10.99
N LEU A 117 16.74 -5.64 10.66
CA LEU A 117 17.33 -6.89 10.19
C LEU A 117 16.85 -7.33 8.81
N VAL A 118 17.71 -8.06 8.11
CA VAL A 118 17.31 -8.72 6.88
C VAL A 118 17.30 -10.23 7.09
N ALA A 119 16.15 -10.87 6.89
CA ALA A 119 16.04 -12.31 7.01
C ALA A 119 15.95 -12.98 5.63
N GLY A 120 16.84 -13.93 5.39
CA GLY A 120 16.85 -14.69 4.15
C GLY A 120 15.92 -15.88 4.25
N SER A 121 15.11 -16.11 3.22
CA SER A 121 14.06 -17.11 3.28
C SER A 121 14.47 -18.50 2.80
N VAL A 122 14.06 -19.53 3.54
CA VAL A 122 14.25 -20.91 3.12
C VAL A 122 12.92 -21.66 3.18
N GLY A 123 12.24 -21.75 2.04
CA GLY A 123 10.95 -22.41 1.96
C GLY A 123 11.04 -23.91 1.85
N PRO A 124 9.88 -24.59 1.88
CA PRO A 124 9.83 -26.05 1.88
C PRO A 124 10.19 -26.68 0.54
N TYR A 125 10.46 -27.99 0.56
CA TYR A 125 10.73 -28.75 -0.64
C TYR A 125 9.47 -28.91 -1.48
N GLY A 126 9.41 -28.22 -2.62
CA GLY A 126 8.27 -28.33 -3.51
C GLY A 126 7.15 -27.35 -3.17
N TYR A 139 5.17 -35.67 0.30
CA TYR A 139 6.45 -36.21 -0.16
C TYR A 139 7.26 -36.78 1.00
N HIS A 140 8.28 -37.56 0.67
CA HIS A 140 9.15 -38.17 1.68
C HIS A 140 10.56 -38.35 1.12
N CYS A 141 11.54 -37.74 1.79
CA CYS A 141 12.93 -37.88 1.41
C CYS A 141 13.81 -38.19 2.62
N SER A 142 15.03 -38.64 2.36
CA SER A 142 16.00 -38.85 3.42
C SER A 142 16.49 -37.49 3.92
N VAL A 143 16.96 -37.46 5.17
CA VAL A 143 17.54 -36.25 5.75
C VAL A 143 18.63 -35.66 4.85
N GLU A 144 19.50 -36.53 4.31
CA GLU A 144 20.58 -36.07 3.44
C GLU A 144 20.05 -35.51 2.12
N ALA A 145 18.92 -36.04 1.66
CA ALA A 145 18.30 -35.55 0.43
C ALA A 145 17.80 -34.10 0.61
N PHE A 146 17.16 -33.85 1.75
CA PHE A 146 16.74 -32.50 2.12
C PHE A 146 17.93 -31.56 2.29
N GLN A 147 19.02 -32.07 2.88
CA GLN A 147 20.20 -31.26 3.17
C GLN A 147 20.96 -30.88 1.91
N ALA A 148 21.03 -31.79 0.95
CA ALA A 148 21.67 -31.49 -0.32
C ALA A 148 20.86 -30.44 -1.09
N PHE A 149 19.55 -30.49 -0.91
CA PHE A 149 18.64 -29.59 -1.60
C PHE A 149 18.73 -28.16 -1.07
N HIS A 150 18.81 -28.01 0.25
CA HIS A 150 18.72 -26.70 0.87
C HIS A 150 20.07 -26.01 1.05
N ARG A 151 21.15 -26.79 1.00
CA ARG A 151 22.49 -26.27 1.27
C ARG A 151 22.89 -25.11 0.33
N PRO A 152 22.62 -25.23 -0.99
CA PRO A 152 22.92 -24.09 -1.87
C PRO A 152 22.32 -22.78 -1.37
N ARG A 153 21.04 -22.81 -1.02
CA ARG A 153 20.34 -21.60 -0.62
C ARG A 153 20.83 -21.06 0.72
N VAL A 154 21.12 -21.96 1.67
CA VAL A 154 21.57 -21.53 2.99
C VAL A 154 22.88 -20.76 2.86
N GLU A 155 23.84 -21.33 2.14
CA GLU A 155 25.13 -20.67 1.93
C GLU A 155 24.97 -19.37 1.14
N ALA A 156 24.11 -19.39 0.13
CA ALA A 156 23.85 -18.20 -0.66
C ALA A 156 23.32 -17.07 0.22
N LEU A 157 22.34 -17.38 1.06
CA LEU A 157 21.75 -16.36 1.92
C LEU A 157 22.75 -15.86 2.95
N LEU A 158 23.46 -16.80 3.58
CA LEU A 158 24.43 -16.47 4.61
C LEU A 158 25.59 -15.66 4.04
N ASP A 159 26.09 -16.07 2.88
CA ASP A 159 27.18 -15.33 2.25
C ASP A 159 26.73 -13.94 1.84
N ALA A 160 25.47 -13.82 1.41
CA ALA A 160 24.93 -12.54 0.95
C ALA A 160 24.76 -11.52 2.08
N GLY A 161 24.73 -12.01 3.31
CA GLY A 161 24.69 -11.14 4.48
C GLY A 161 23.38 -11.06 5.27
N ALA A 162 22.55 -12.10 5.18
CA ALA A 162 21.34 -12.14 5.99
C ALA A 162 21.70 -12.26 7.47
N ASP A 163 20.97 -11.53 8.30
CA ASP A 163 21.21 -11.53 9.73
C ASP A 163 20.70 -12.83 10.34
N LEU A 164 19.62 -13.34 9.77
CA LEU A 164 19.08 -14.63 10.21
C LEU A 164 18.28 -15.31 9.08
N LEU A 165 17.97 -16.59 9.28
CA LEU A 165 17.32 -17.39 8.26
C LEU A 165 15.89 -17.74 8.63
N ALA A 166 14.96 -17.41 7.74
CA ALA A 166 13.56 -17.72 7.97
C ALA A 166 13.21 -19.09 7.41
N CYS A 167 13.28 -20.11 8.25
CA CYS A 167 12.85 -21.44 7.82
C CYS A 167 11.34 -21.54 7.96
N GLU A 168 10.65 -21.25 6.85
CA GLU A 168 9.21 -21.05 6.88
C GLU A 168 8.39 -22.04 6.04
N THR A 169 7.12 -22.17 6.42
CA THR A 169 6.16 -22.96 5.67
C THR A 169 6.56 -24.43 5.64
N LEU A 170 7.21 -24.87 6.71
CA LEU A 170 7.69 -26.24 6.84
C LEU A 170 6.61 -27.21 7.31
N PRO A 171 6.20 -28.14 6.44
CA PRO A 171 5.16 -29.11 6.80
C PRO A 171 5.71 -30.44 7.28
N ASN A 172 6.96 -30.73 6.96
CA ASN A 172 7.51 -32.06 7.12
C ASN A 172 8.53 -32.14 8.25
N PHE A 173 8.29 -33.04 9.21
CA PHE A 173 9.17 -33.18 10.35
C PHE A 173 10.58 -33.61 9.97
N SER A 174 10.68 -34.57 9.07
CA SER A 174 12.00 -35.07 8.65
C SER A 174 12.80 -33.96 7.98
N GLU A 175 12.12 -33.15 7.19
CA GLU A 175 12.75 -32.00 6.54
C GLU A 175 13.20 -30.96 7.57
N ILE A 176 12.43 -30.82 8.64
CA ILE A 176 12.77 -29.90 9.72
C ILE A 176 14.08 -30.32 10.39
N GLU A 177 14.23 -31.61 10.67
CA GLU A 177 15.48 -32.13 11.27
C GLU A 177 16.67 -31.79 10.37
N ALA A 178 16.51 -32.07 9.08
CA ALA A 178 17.58 -31.88 8.11
C ALA A 178 18.06 -30.43 8.06
N LEU A 179 17.13 -29.50 8.26
CA LEU A 179 17.49 -28.09 8.21
C LEU A 179 18.21 -27.66 9.48
N ALA A 180 17.75 -28.15 10.63
CA ALA A 180 18.38 -27.84 11.90
C ALA A 180 19.78 -28.45 12.00
N GLU A 181 19.95 -29.64 11.43
CA GLU A 181 21.27 -30.26 11.39
C GLU A 181 22.17 -29.49 10.44
N LEU A 182 21.66 -29.21 9.25
CA LEU A 182 22.38 -28.43 8.25
C LEU A 182 22.90 -27.11 8.82
N LEU A 183 22.12 -26.48 9.68
CA LEU A 183 22.48 -25.19 10.25
C LEU A 183 23.72 -25.26 11.11
N THR A 184 23.94 -26.41 11.74
CA THR A 184 25.10 -26.59 12.64
C THR A 184 26.43 -26.54 11.89
N ALA A 185 26.39 -26.75 10.58
CA ALA A 185 27.56 -26.63 9.74
C ALA A 185 28.05 -25.18 9.64
N TYR A 186 27.16 -24.24 9.95
CA TYR A 186 27.48 -22.82 9.87
C TYR A 186 27.26 -22.17 11.22
N PRO A 187 28.28 -22.25 12.10
CA PRO A 187 28.22 -21.88 13.52
C PRO A 187 27.68 -20.49 13.81
N ARG A 188 27.80 -19.56 12.87
CA ARG A 188 27.37 -18.19 13.13
C ARG A 188 25.95 -17.93 12.64
N ALA A 189 25.37 -18.90 11.94
CA ALA A 189 24.00 -18.77 11.45
C ALA A 189 22.99 -18.78 12.60
N ARG A 190 21.94 -17.98 12.44
CA ARG A 190 20.80 -17.98 13.36
C ARG A 190 19.51 -18.07 12.55
N ALA A 191 18.49 -18.69 13.11
CA ALA A 191 17.27 -18.91 12.35
C ALA A 191 16.04 -19.00 13.24
N TRP A 192 14.88 -18.81 12.63
CA TRP A 192 13.64 -19.20 13.24
C TRP A 192 13.03 -20.29 12.39
N PHE A 193 12.14 -21.08 12.98
CA PHE A 193 11.46 -22.14 12.25
C PHE A 193 9.96 -21.92 12.30
N SER A 194 9.33 -21.73 11.15
CA SER A 194 7.89 -21.57 11.11
C SER A 194 7.28 -22.71 10.31
N PHE A 195 6.14 -23.22 10.77
CA PHE A 195 5.55 -24.41 10.14
C PHE A 195 4.12 -24.18 9.64
N THR A 196 3.64 -25.13 8.83
CA THR A 196 2.25 -25.15 8.40
C THR A 196 1.59 -26.26 9.22
N LEU A 197 0.28 -26.18 9.40
CA LEU A 197 -0.36 -27.10 10.33
C LEU A 197 -1.54 -27.87 9.76
N ARG A 198 -1.72 -29.08 10.27
CA ARG A 198 -2.90 -29.88 9.96
C ARG A 198 -4.02 -29.47 10.91
N ASP A 199 -3.66 -29.26 12.17
CA ASP A 199 -4.57 -28.70 13.16
C ASP A 199 -3.78 -27.81 14.12
N SER A 200 -4.34 -27.52 15.28
CA SER A 200 -3.66 -26.63 16.21
C SER A 200 -2.56 -27.34 16.99
N GLU A 201 -2.44 -28.66 16.81
CA GLU A 201 -1.50 -29.45 17.59
C GLU A 201 -0.52 -30.27 16.75
N HIS A 202 -0.68 -30.22 15.42
CA HIS A 202 0.11 -31.07 14.54
C HIS A 202 0.61 -30.34 13.29
N LEU A 203 1.81 -30.72 12.84
CA LEU A 203 2.33 -30.29 11.55
C LEU A 203 1.42 -30.76 10.43
N SER A 204 1.61 -30.20 9.23
CA SER A 204 0.83 -30.61 8.08
C SER A 204 1.04 -32.07 7.68
N ASP A 205 2.14 -32.67 8.14
CA ASP A 205 2.42 -34.07 7.81
C ASP A 205 1.95 -35.00 8.93
N GLY A 206 1.41 -34.43 10.00
CA GLY A 206 0.82 -35.20 11.08
C GLY A 206 1.64 -35.25 12.36
N THR A 207 2.88 -34.79 12.29
CA THR A 207 3.78 -34.83 13.43
C THR A 207 3.30 -33.93 14.57
N PRO A 208 3.19 -34.48 15.79
CA PRO A 208 2.83 -33.74 17.00
C PRO A 208 3.82 -32.62 17.31
N LEU A 209 3.30 -31.44 17.66
CA LEU A 209 4.16 -30.29 17.93
C LEU A 209 5.11 -30.52 19.11
N ARG A 210 4.72 -31.39 20.02
CA ARG A 210 5.54 -31.63 21.21
C ARG A 210 6.84 -32.34 20.81
N ASP A 211 6.85 -32.94 19.63
CA ASP A 211 8.06 -33.57 19.11
C ASP A 211 8.94 -32.55 18.36
N VAL A 212 8.30 -31.68 17.60
CA VAL A 212 9.01 -30.64 16.86
C VAL A 212 9.73 -29.70 17.83
N VAL A 213 9.06 -29.31 18.90
CA VAL A 213 9.65 -28.45 19.91
C VAL A 213 10.79 -29.18 20.63
N ALA A 214 10.54 -30.43 21.01
CA ALA A 214 11.52 -31.22 21.74
C ALA A 214 12.81 -31.39 20.94
N LEU A 215 12.65 -31.56 19.62
CA LEU A 215 13.78 -31.65 18.71
C LEU A 215 14.55 -30.35 18.67
N LEU A 216 13.85 -29.27 18.33
CA LEU A 216 14.51 -27.99 18.10
C LEU A 216 15.07 -27.37 19.37
N ALA A 217 14.67 -27.90 20.52
CA ALA A 217 15.14 -27.41 21.81
C ALA A 217 16.62 -27.74 22.01
N GLY A 218 17.06 -28.80 21.34
CA GLY A 218 18.47 -29.20 21.36
C GLY A 218 19.33 -28.41 20.39
N TYR A 219 18.72 -27.44 19.71
CA TYR A 219 19.44 -26.65 18.72
C TYR A 219 19.42 -25.16 19.04
N PRO A 220 20.41 -24.70 19.81
CA PRO A 220 20.53 -23.30 20.24
C PRO A 220 20.48 -22.29 19.08
N GLN A 221 20.85 -22.70 17.88
CA GLN A 221 20.82 -21.79 16.73
C GLN A 221 19.41 -21.37 16.35
N VAL A 222 18.45 -22.25 16.60
CA VAL A 222 17.05 -21.93 16.40
C VAL A 222 16.61 -20.97 17.51
N VAL A 223 16.38 -19.71 17.15
CA VAL A 223 16.15 -18.67 18.14
C VAL A 223 14.69 -18.25 18.24
N ALA A 224 13.83 -18.85 17.43
CA ALA A 224 12.40 -18.55 17.47
C ALA A 224 11.57 -19.60 16.71
N LEU A 225 10.31 -19.75 17.10
CA LEU A 225 9.43 -20.75 16.52
C LEU A 225 8.08 -20.15 16.20
N GLY A 226 7.31 -20.79 15.32
CA GLY A 226 5.96 -20.34 15.07
C GLY A 226 5.30 -20.86 13.81
N ILE A 227 4.33 -20.10 13.31
CA ILE A 227 3.55 -20.53 12.16
C ILE A 227 3.40 -19.40 11.15
N ASN A 228 3.24 -19.77 9.88
CA ASN A 228 3.01 -18.78 8.83
C ASN A 228 2.28 -19.40 7.64
N CYS A 229 1.90 -18.54 6.69
CA CYS A 229 1.09 -18.93 5.53
C CYS A 229 -0.07 -19.80 5.97
N ILE A 230 -0.87 -19.27 6.89
CA ILE A 230 -1.96 -20.01 7.50
C ILE A 230 -3.14 -19.06 7.63
N ALA A 231 -4.37 -19.60 7.73
CA ALA A 231 -5.56 -18.77 7.89
C ALA A 231 -5.60 -18.10 9.27
N LEU A 232 -6.13 -16.89 9.32
CA LEU A 232 -6.18 -16.13 10.57
C LEU A 232 -6.89 -16.86 11.70
N GLU A 233 -7.99 -17.55 11.38
CA GLU A 233 -8.81 -18.15 12.41
C GLU A 233 -8.26 -19.50 12.87
N ASN A 234 -7.03 -19.80 12.47
CA ASN A 234 -6.37 -21.02 12.91
C ASN A 234 -5.08 -20.69 13.65
N THR A 235 -4.74 -19.41 13.70
CA THR A 235 -3.47 -18.97 14.27
C THR A 235 -3.42 -19.07 15.80
N THR A 236 -4.43 -18.52 16.47
CA THR A 236 -4.38 -18.32 17.93
C THR A 236 -4.32 -19.60 18.75
N ALA A 237 -5.11 -20.60 18.37
CA ALA A 237 -5.11 -21.89 19.05
C ALA A 237 -3.73 -22.52 18.96
N ALA A 238 -3.16 -22.43 17.76
CA ALA A 238 -1.85 -22.98 17.50
C ALA A 238 -0.81 -22.33 18.41
N LEU A 239 -0.83 -21.01 18.47
CA LEU A 239 0.11 -20.29 19.30
C LEU A 239 -0.05 -20.68 20.75
N GLN A 240 -1.29 -20.82 21.19
CA GLN A 240 -1.58 -21.16 22.58
C GLN A 240 -0.97 -22.50 22.95
N HIS A 241 -1.00 -23.46 22.03
CA HIS A 241 -0.41 -24.78 22.29
C HIS A 241 1.11 -24.68 22.41
N LEU A 242 1.75 -24.04 21.43
CA LEU A 242 3.19 -23.82 21.47
C LEU A 242 3.60 -23.06 22.74
N HIS A 243 2.75 -22.14 23.16
CA HIS A 243 2.95 -21.33 24.37
C HIS A 243 3.19 -22.18 25.61
N GLY A 244 2.63 -23.39 25.61
CA GLY A 244 2.78 -24.29 26.75
C GLY A 244 3.99 -25.19 26.65
N LEU A 245 4.63 -25.23 25.47
CA LEU A 245 5.73 -26.16 25.23
C LEU A 245 7.09 -25.47 25.25
N THR A 246 7.12 -24.17 25.00
CA THR A 246 8.39 -23.43 24.96
C THR A 246 8.23 -21.96 25.33
N VAL A 247 9.31 -21.36 25.79
CA VAL A 247 9.33 -19.93 26.09
C VAL A 247 10.21 -19.21 25.08
N LEU A 248 10.54 -19.88 23.99
CA LEU A 248 11.17 -19.20 22.86
C LEU A 248 10.19 -18.15 22.33
N PRO A 249 10.71 -17.02 21.82
CA PRO A 249 9.82 -16.02 21.22
C PRO A 249 9.07 -16.65 20.06
N LEU A 250 7.76 -16.47 20.04
CA LEU A 250 6.95 -17.11 19.00
C LEU A 250 6.80 -16.20 17.79
N VAL A 251 6.76 -16.82 16.62
CA VAL A 251 6.69 -16.13 15.33
C VAL A 251 5.34 -16.37 14.71
N VAL A 252 4.69 -15.30 14.25
CA VAL A 252 3.41 -15.44 13.58
C VAL A 252 3.26 -14.47 12.42
N TYR A 253 3.03 -15.00 11.23
CA TYR A 253 2.60 -14.19 10.10
C TYR A 253 1.74 -15.00 9.15
N PRO A 254 0.41 -14.84 9.27
CA PRO A 254 -0.62 -15.56 8.51
C PRO A 254 -1.04 -14.82 7.25
N ASN A 255 -2.01 -15.38 6.53
CA ASN A 255 -2.59 -14.74 5.36
C ASN A 255 -3.64 -13.68 5.71
N SER A 256 -3.94 -12.81 4.76
CA SER A 256 -4.95 -11.76 4.93
C SER A 256 -6.36 -12.32 4.81
N GLY A 257 -7.33 -11.61 5.39
CA GLY A 257 -8.72 -12.00 5.29
C GLY A 257 -9.34 -11.61 3.96
N GLN A 276 -9.19 -7.65 10.69
CA GLN A 276 -7.89 -7.00 10.63
C GLN A 276 -6.82 -7.89 11.24
N LEU A 277 -5.61 -7.82 10.68
CA LEU A 277 -4.52 -8.62 11.20
C LEU A 277 -4.04 -8.03 12.52
N ALA A 278 -4.07 -6.70 12.60
CA ALA A 278 -3.63 -5.99 13.79
C ALA A 278 -4.58 -6.16 14.96
N ASP A 279 -5.75 -6.75 14.69
CA ASP A 279 -6.73 -6.96 15.73
C ASP A 279 -6.44 -8.18 16.58
N TYR A 280 -5.61 -9.08 16.06
CA TYR A 280 -5.24 -10.28 16.79
C TYR A 280 -4.04 -10.07 17.70
N LEU A 281 -3.31 -8.99 17.46
CA LEU A 281 -2.07 -8.71 18.19
C LEU A 281 -2.17 -8.90 19.72
N PRO A 282 -3.27 -8.46 20.36
CA PRO A 282 -3.35 -8.77 21.80
C PRO A 282 -3.42 -10.27 22.13
N GLN A 283 -4.29 -11.02 21.46
CA GLN A 283 -4.40 -12.45 21.69
C GLN A 283 -3.05 -13.13 21.48
N TRP A 284 -2.41 -12.82 20.35
CA TRP A 284 -1.14 -13.41 19.96
C TRP A 284 -0.02 -13.11 20.98
N GLN A 285 0.08 -11.86 21.39
CA GLN A 285 1.10 -11.47 22.35
C GLN A 285 0.94 -12.24 23.66
N ALA A 286 -0.30 -12.46 24.05
CA ALA A 286 -0.61 -13.22 25.25
C ALA A 286 -0.23 -14.69 25.09
N ALA A 287 -0.21 -15.16 23.84
CA ALA A 287 0.15 -16.55 23.57
C ALA A 287 1.66 -16.69 23.35
N GLY A 288 2.40 -15.65 23.69
CA GLY A 288 3.85 -15.69 23.63
C GLY A 288 4.46 -15.22 22.31
N ALA A 289 3.63 -14.75 21.39
CA ALA A 289 4.14 -14.29 20.09
C ALA A 289 4.87 -12.97 20.24
N ARG A 290 6.05 -12.86 19.63
CA ARG A 290 6.84 -11.64 19.73
C ARG A 290 7.33 -11.14 18.38
N LEU A 291 7.23 -11.98 17.35
CA LEU A 291 7.54 -11.57 15.98
C LEU A 291 6.30 -11.72 15.12
N ILE A 292 5.74 -10.60 14.67
CA ILE A 292 4.44 -10.59 14.00
C ILE A 292 4.49 -9.84 12.68
N GLY A 293 3.83 -10.38 11.66
CA GLY A 293 3.81 -9.78 10.35
C GLY A 293 2.72 -10.42 9.51
N GLY A 294 2.88 -10.38 8.18
CA GLY A 294 1.89 -10.98 7.32
C GLY A 294 2.47 -11.78 6.19
N CYS A 295 1.64 -12.63 5.59
CA CYS A 295 1.99 -13.53 4.50
C CYS A 295 1.18 -13.21 3.24
N CYS A 296 0.59 -14.21 2.61
CA CYS A 296 -0.20 -13.99 1.38
C CYS A 296 -1.25 -12.91 1.52
N ARG A 297 -1.42 -12.13 0.45
CA ARG A 297 -2.40 -11.05 0.37
C ARG A 297 -2.18 -9.90 1.38
N THR A 298 -0.97 -9.75 1.91
CA THR A 298 -0.73 -8.66 2.86
C THR A 298 0.04 -7.55 2.16
N THR A 299 -0.08 -6.33 2.70
CA THR A 299 0.58 -5.17 2.11
C THR A 299 1.19 -4.34 3.24
N PRO A 300 2.05 -3.36 2.90
CA PRO A 300 2.60 -2.45 3.91
C PRO A 300 1.55 -1.77 4.80
N ALA A 301 0.30 -1.74 4.36
CA ALA A 301 -0.76 -1.14 5.16
C ALA A 301 -1.00 -1.96 6.43
N ASP A 302 -1.09 -3.28 6.29
CA ASP A 302 -1.30 -4.16 7.43
C ASP A 302 -0.23 -3.98 8.49
N ILE A 303 1.02 -3.81 8.06
CA ILE A 303 2.12 -3.58 8.99
C ILE A 303 1.97 -2.21 9.68
N ALA A 304 1.47 -1.23 8.95
CA ALA A 304 1.27 0.11 9.50
C ALA A 304 0.24 0.05 10.62
N ALA A 305 -0.78 -0.77 10.43
CA ALA A 305 -1.80 -0.97 11.44
C ALA A 305 -1.17 -1.56 12.69
N LEU A 306 -0.24 -2.49 12.49
CA LEU A 306 0.45 -3.14 13.60
C LEU A 306 1.27 -2.14 14.42
N LYS A 307 2.03 -1.30 13.72
CA LYS A 307 2.85 -0.26 14.37
C LYS A 307 2.03 0.56 15.35
N ALA A 308 0.83 0.96 14.93
CA ALA A 308 -0.05 1.78 15.76
C ALA A 308 -0.51 1.03 17.01
N ARG A 309 -0.86 -0.25 16.84
CA ARG A 309 -1.38 -1.07 17.94
C ARG A 309 -0.29 -1.53 18.91
N SER A 310 0.96 -1.11 18.69
CA SER A 310 2.05 -1.43 19.61
C SER A 310 2.78 -0.15 20.01
N ASN B 5 -9.84 -0.08 -13.97
CA ASN B 5 -9.89 1.33 -14.33
C ASN B 5 -11.31 1.88 -14.40
N PRO B 6 -11.66 2.80 -13.48
CA PRO B 6 -12.98 3.42 -13.45
C PRO B 6 -13.22 4.36 -14.65
N LEU B 7 -12.15 4.79 -15.31
CA LEU B 7 -12.26 5.78 -16.37
C LEU B 7 -12.40 5.20 -17.77
N ARG B 8 -12.10 3.91 -17.95
CA ARG B 8 -12.11 3.36 -19.30
C ARG B 8 -13.55 3.25 -19.82
N ALA B 9 -14.47 2.89 -18.93
CA ALA B 9 -15.88 2.79 -19.30
C ALA B 9 -16.41 4.09 -19.89
N LEU B 10 -16.02 5.22 -19.31
CA LEU B 10 -16.50 6.51 -19.78
C LEU B 10 -15.66 7.06 -20.94
N LEU B 11 -14.35 6.92 -20.85
CA LEU B 11 -13.44 7.50 -21.84
C LEU B 11 -13.45 6.74 -23.17
N ASP B 12 -14.10 5.59 -23.20
CA ASP B 12 -14.24 4.83 -24.43
C ASP B 12 -15.49 5.27 -25.21
N LYS B 13 -16.33 6.08 -24.58
CA LYS B 13 -17.59 6.51 -25.19
C LYS B 13 -17.61 8.00 -25.52
N GLN B 14 -16.80 8.78 -24.81
CA GLN B 14 -16.86 10.23 -24.95
C GLN B 14 -15.49 10.87 -24.75
N ASP B 15 -15.29 12.01 -25.40
CA ASP B 15 -14.02 12.74 -25.32
C ASP B 15 -13.87 13.45 -23.96
N ILE B 16 -14.98 13.96 -23.42
CA ILE B 16 -14.92 14.75 -22.20
C ILE B 16 -15.65 14.11 -21.03
N LEU B 17 -14.96 13.98 -19.91
CA LEU B 17 -15.58 13.50 -18.69
C LEU B 17 -15.83 14.70 -17.78
N LEU B 18 -17.08 14.90 -17.36
CA LEU B 18 -17.40 16.09 -16.59
C LEU B 18 -17.26 15.88 -15.09
N LEU B 19 -16.61 16.84 -14.44
CA LEU B 19 -16.45 16.82 -13.00
C LEU B 19 -17.46 17.82 -12.45
N ASP B 20 -17.52 17.94 -11.13
CA ASP B 20 -18.45 18.88 -10.53
C ASP B 20 -17.74 20.19 -10.23
N GLY B 21 -18.32 20.99 -9.33
CA GLY B 21 -17.73 22.27 -8.99
C GLY B 21 -17.64 22.43 -7.49
N ALA B 22 -17.47 23.68 -7.03
CA ALA B 22 -17.36 23.98 -5.60
C ALA B 22 -18.58 23.48 -4.82
N MET B 23 -18.49 23.46 -3.50
CA MET B 23 -19.58 23.00 -2.65
C MET B 23 -20.14 24.16 -1.83
N ALA B 24 -19.23 25.00 -1.32
CA ALA B 24 -19.57 26.09 -0.42
C ALA B 24 -20.62 27.03 -1.00
N THR B 25 -20.51 27.28 -2.31
CA THR B 25 -21.41 28.18 -3.01
C THR B 25 -22.87 27.71 -2.93
N GLU B 26 -23.08 26.42 -3.18
CA GLU B 26 -24.41 25.84 -3.10
C GLU B 26 -24.92 25.80 -1.67
N LEU B 27 -24.02 25.52 -0.73
CA LEU B 27 -24.40 25.47 0.68
C LEU B 27 -24.75 26.86 1.21
N GLU B 28 -23.98 27.86 0.79
CA GLU B 28 -24.27 29.24 1.14
C GLU B 28 -25.66 29.63 0.63
N ALA B 29 -25.99 29.15 -0.56
CA ALA B 29 -27.29 29.44 -1.16
C ALA B 29 -28.42 28.86 -0.32
N ARG B 30 -28.18 27.71 0.31
CA ARG B 30 -29.19 27.07 1.14
C ARG B 30 -29.12 27.53 2.59
N GLY B 31 -28.22 28.45 2.89
CA GLY B 31 -28.15 29.06 4.20
C GLY B 31 -27.20 28.43 5.21
N CYS B 32 -26.02 28.01 4.77
CA CYS B 32 -25.02 27.46 5.67
C CYS B 32 -23.96 28.49 6.04
N ASN B 33 -23.32 28.31 7.19
CA ASN B 33 -22.21 29.16 7.58
C ASN B 33 -20.86 28.43 7.55
N SER B 40 -15.81 23.25 10.72
CA SER B 40 -15.84 23.10 9.27
C SER B 40 -16.74 21.92 8.87
N ALA B 41 -16.63 20.84 9.65
CA ALA B 41 -17.40 19.62 9.42
C ALA B 41 -18.71 19.56 10.20
N LYS B 42 -19.34 20.70 10.39
CA LYS B 42 -20.60 20.77 11.12
C LYS B 42 -21.77 20.21 10.32
N VAL B 43 -21.67 20.32 9.00
CA VAL B 43 -22.74 19.93 8.10
C VAL B 43 -22.87 18.44 7.89
N LEU B 44 -21.78 17.72 8.08
CA LEU B 44 -21.82 16.27 7.87
C LEU B 44 -22.63 15.60 8.97
N VAL B 45 -22.71 16.26 10.10
CA VAL B 45 -23.43 15.74 11.26
C VAL B 45 -24.80 16.40 11.42
N GLU B 46 -24.85 17.72 11.23
CA GLU B 46 -26.08 18.50 11.46
C GLU B 46 -26.97 18.67 10.22
N ASN B 47 -26.37 18.79 9.03
CA ASN B 47 -27.14 18.94 7.79
C ASN B 47 -26.66 18.01 6.68
N PRO B 48 -26.69 16.69 6.93
CA PRO B 48 -26.17 15.77 5.92
C PRO B 48 -27.05 15.74 4.66
N GLU B 49 -28.33 16.04 4.83
CA GLU B 49 -29.27 16.02 3.70
C GLU B 49 -28.92 17.08 2.67
N LEU B 50 -28.48 18.24 3.13
CA LEU B 50 -28.09 19.32 2.23
C LEU B 50 -26.97 18.90 1.29
N ILE B 51 -25.94 18.29 1.85
CA ILE B 51 -24.80 17.82 1.07
C ILE B 51 -25.24 16.73 0.09
N ARG B 52 -26.24 15.94 0.47
CA ARG B 52 -26.78 14.94 -0.44
C ARG B 52 -27.42 15.62 -1.64
N GLU B 53 -28.06 16.76 -1.40
CA GLU B 53 -28.79 17.46 -2.46
C GLU B 53 -27.87 18.21 -3.43
N VAL B 54 -26.83 18.84 -2.91
CA VAL B 54 -25.88 19.55 -3.74
C VAL B 54 -25.23 18.60 -4.74
N HIS B 55 -24.89 17.39 -4.28
CA HIS B 55 -24.34 16.38 -5.16
C HIS B 55 -25.38 15.95 -6.20
N LEU B 56 -26.63 15.86 -5.79
CA LEU B 56 -27.71 15.52 -6.70
C LEU B 56 -27.84 16.61 -7.77
N ASP B 57 -27.66 17.85 -7.34
CA ASP B 57 -27.76 19.00 -8.21
C ASP B 57 -26.69 18.97 -9.31
N TYR B 58 -25.46 18.60 -8.92
CA TYR B 58 -24.34 18.58 -9.85
C TYR B 58 -24.50 17.46 -10.87
N TYR B 59 -24.99 16.31 -10.41
CA TYR B 59 -25.30 15.20 -11.30
C TYR B 59 -26.33 15.63 -12.33
N ARG B 60 -27.30 16.44 -11.92
CA ARG B 60 -28.34 16.92 -12.83
C ARG B 60 -27.78 17.90 -13.84
N ALA B 61 -26.89 18.78 -13.39
CA ALA B 61 -26.29 19.79 -14.23
C ALA B 61 -25.43 19.15 -15.34
N GLY B 62 -24.99 17.92 -15.11
CA GLY B 62 -24.28 17.19 -16.13
C GLY B 62 -22.98 16.56 -15.67
N ALA B 63 -22.64 16.70 -14.39
CA ALA B 63 -21.41 16.11 -13.86
C ALA B 63 -21.49 14.60 -13.86
N GLN B 64 -20.37 13.96 -14.17
CA GLN B 64 -20.32 12.51 -14.21
C GLN B 64 -19.45 11.97 -13.07
N CYS B 65 -18.81 12.89 -12.36
CA CYS B 65 -18.00 12.53 -11.22
C CYS B 65 -18.15 13.52 -10.06
N ALA B 66 -18.48 13.02 -8.88
CA ALA B 66 -18.63 13.87 -7.70
C ALA B 66 -17.39 13.79 -6.81
N ILE B 67 -17.03 14.92 -6.20
CA ILE B 67 -15.85 14.96 -5.33
C ILE B 67 -16.22 15.42 -3.93
N ALA B 79 -12.07 15.18 10.22
CA ALA B 79 -11.69 16.49 10.77
C ALA B 79 -11.75 16.48 12.30
N ALA B 80 -10.76 15.86 12.91
CA ALA B 80 -10.68 15.71 14.36
C ALA B 80 -10.52 17.01 15.16
N ARG B 81 -11.08 16.98 16.37
CA ARG B 81 -11.00 18.04 17.37
C ARG B 81 -11.83 17.61 18.57
N GLY B 82 -11.35 16.55 19.22
CA GLY B 82 -12.04 15.94 20.33
C GLY B 82 -12.31 14.51 19.93
N LEU B 83 -12.17 14.26 18.63
CA LEU B 83 -12.43 12.95 18.04
C LEU B 83 -11.13 12.17 17.84
N ASP B 84 -11.18 10.85 18.04
CA ASP B 84 -10.04 10.01 17.75
C ASP B 84 -10.02 9.76 16.24
N GLU B 85 -9.17 8.86 15.78
CA GLU B 85 -9.00 8.69 14.34
C GLU B 85 -9.97 7.66 13.79
N ALA B 86 -10.72 7.00 14.67
CA ALA B 86 -11.74 6.06 14.23
C ALA B 86 -13.03 6.82 13.97
N GLN B 87 -13.15 7.99 14.59
CA GLN B 87 -14.31 8.83 14.41
C GLN B 87 -14.15 9.68 13.16
N SER B 88 -12.93 10.11 12.91
CA SER B 88 -12.62 10.93 11.75
C SER B 88 -12.96 10.18 10.47
N LYS B 89 -12.64 8.90 10.44
CA LYS B 89 -12.85 8.09 9.25
C LYS B 89 -14.34 7.90 9.00
N ALA B 90 -15.14 7.84 10.06
CA ALA B 90 -16.59 7.73 9.89
C ALA B 90 -17.15 9.03 9.32
N LEU B 91 -16.58 10.15 9.74
CA LEU B 91 -16.94 11.45 9.19
C LEU B 91 -16.48 11.54 7.74
N ILE B 92 -15.20 11.28 7.51
CA ILE B 92 -14.66 11.33 6.16
C ILE B 92 -15.40 10.34 5.26
N GLY B 93 -15.64 9.13 5.77
CA GLY B 93 -16.36 8.12 5.04
C GLY B 93 -17.78 8.53 4.71
N LYS B 94 -18.41 9.26 5.63
CA LYS B 94 -19.81 9.68 5.46
C LYS B 94 -19.99 10.57 4.23
N SER B 95 -18.99 11.41 3.94
CA SER B 95 -19.10 12.33 2.81
C SER B 95 -19.13 11.57 1.48
N VAL B 96 -18.41 10.46 1.41
CA VAL B 96 -18.45 9.61 0.22
C VAL B 96 -19.82 8.94 0.16
N GLU B 97 -20.30 8.47 1.31
CA GLU B 97 -21.59 7.79 1.39
C GLU B 97 -22.71 8.69 0.88
N LEU B 98 -22.68 9.97 1.28
CA LEU B 98 -23.70 10.93 0.87
C LEU B 98 -23.67 11.10 -0.64
N ALA B 99 -22.47 11.22 -1.19
CA ALA B 99 -22.30 11.34 -2.64
C ALA B 99 -22.80 10.08 -3.35
N ARG B 100 -22.73 8.95 -2.67
CA ARG B 100 -23.19 7.71 -3.26
C ARG B 100 -24.71 7.65 -3.24
N LYS B 101 -25.31 8.19 -2.17
CA LYS B 101 -26.75 8.22 -2.03
C LYS B 101 -27.40 9.06 -3.15
N ALA B 102 -26.82 10.23 -3.39
CA ALA B 102 -27.28 11.13 -4.45
C ALA B 102 -27.17 10.46 -5.82
N ARG B 103 -26.12 9.67 -6.00
CA ARG B 103 -25.89 8.96 -7.26
C ARG B 103 -26.98 7.94 -7.52
N GLU B 104 -27.32 7.16 -6.49
CA GLU B 104 -28.41 6.20 -6.59
C GLU B 104 -29.72 6.94 -6.82
N ALA B 105 -29.92 8.04 -6.08
CA ALA B 105 -31.11 8.87 -6.25
C ALA B 105 -31.22 9.36 -7.69
N TYR B 106 -30.10 9.76 -8.26
CA TYR B 106 -30.10 10.27 -9.63
C TYR B 106 -30.29 9.15 -10.64
N LEU B 107 -29.70 8.00 -10.37
CA LEU B 107 -29.79 6.87 -11.29
C LEU B 107 -31.15 6.19 -11.23
N ALA B 108 -31.91 6.50 -10.19
CA ALA B 108 -33.29 6.04 -10.09
C ALA B 108 -34.18 6.94 -10.95
N GLU B 109 -33.90 8.25 -10.90
CA GLU B 109 -34.66 9.25 -11.65
C GLU B 109 -34.41 9.09 -13.14
N ASN B 110 -33.15 9.20 -13.56
CA ASN B 110 -32.79 9.00 -14.96
C ASN B 110 -31.77 7.88 -15.10
N PRO B 111 -32.24 6.63 -15.26
CA PRO B 111 -31.39 5.44 -15.39
C PRO B 111 -30.55 5.45 -16.66
N GLN B 112 -31.00 6.18 -17.68
CA GLN B 112 -30.32 6.17 -18.97
C GLN B 112 -29.15 7.15 -19.00
N ALA B 113 -28.67 7.53 -17.81
CA ALA B 113 -27.64 8.57 -17.69
C ALA B 113 -26.22 8.01 -17.78
N GLY B 114 -26.08 6.69 -17.84
CA GLY B 114 -24.78 6.06 -17.96
C GLY B 114 -24.04 5.84 -16.65
N THR B 115 -22.72 5.75 -16.73
CA THR B 115 -21.89 5.46 -15.56
C THR B 115 -21.45 6.72 -14.84
N LEU B 116 -21.72 6.80 -13.54
CA LEU B 116 -21.31 7.93 -12.72
C LEU B 116 -20.34 7.48 -11.63
N LEU B 117 -19.40 8.35 -11.28
CA LEU B 117 -18.38 7.98 -10.29
C LEU B 117 -18.36 8.89 -9.08
N VAL B 118 -17.94 8.34 -7.94
CA VAL B 118 -17.67 9.18 -6.79
C VAL B 118 -16.18 9.16 -6.48
N ALA B 119 -15.56 10.32 -6.52
CA ALA B 119 -14.15 10.46 -6.21
C ALA B 119 -13.96 11.04 -4.82
N GLY B 120 -13.17 10.35 -4.01
CA GLY B 120 -12.83 10.80 -2.67
C GLY B 120 -11.62 11.71 -2.73
N SER B 121 -11.69 12.82 -2.02
CA SER B 121 -10.68 13.86 -2.14
C SER B 121 -9.52 13.66 -1.17
N VAL B 122 -8.29 13.86 -1.66
CA VAL B 122 -7.10 13.83 -0.81
C VAL B 122 -6.30 15.11 -1.00
N GLY B 123 -6.53 16.07 -0.12
CA GLY B 123 -5.87 17.37 -0.21
C GLY B 123 -4.47 17.40 0.35
N PRO B 124 -3.81 18.55 0.20
CA PRO B 124 -2.41 18.74 0.57
C PRO B 124 -2.20 18.76 2.08
N TYR B 125 -0.94 18.69 2.48
CA TYR B 125 -0.56 18.75 3.88
C TYR B 125 -0.81 20.15 4.46
N GLY B 126 -1.03 21.13 3.59
CA GLY B 126 -1.33 22.48 4.01
C GLY B 126 -2.82 22.80 3.88
N TYR B 139 6.92 23.81 2.62
CA TYR B 139 7.05 22.96 3.80
C TYR B 139 7.86 21.70 3.51
N HIS B 140 8.26 21.00 4.58
CA HIS B 140 9.08 19.81 4.46
C HIS B 140 8.80 18.76 5.54
N CYS B 141 8.45 17.55 5.10
CA CYS B 141 8.29 16.41 6.00
C CYS B 141 8.98 15.18 5.39
N SER B 142 9.23 14.17 6.22
CA SER B 142 9.74 12.90 5.71
C SER B 142 8.64 12.17 4.96
N VAL B 143 9.02 11.31 4.03
CA VAL B 143 8.05 10.50 3.29
C VAL B 143 7.11 9.76 4.23
N GLU B 144 7.67 9.19 5.29
CA GLU B 144 6.89 8.44 6.26
C GLU B 144 5.93 9.38 7.01
N ALA B 145 6.34 10.62 7.20
CA ALA B 145 5.47 11.61 7.83
C ALA B 145 4.28 11.95 6.94
N PHE B 146 4.55 12.12 5.64
CA PHE B 146 3.48 12.33 4.67
C PHE B 146 2.54 11.13 4.61
N GLN B 147 3.11 9.93 4.65
CA GLN B 147 2.34 8.70 4.54
C GLN B 147 1.50 8.44 5.80
N ALA B 148 2.08 8.75 6.95
CA ALA B 148 1.36 8.62 8.21
C ALA B 148 0.21 9.62 8.28
N PHE B 149 0.42 10.79 7.67
CA PHE B 149 -0.58 11.83 7.68
C PHE B 149 -1.76 11.46 6.79
N HIS B 150 -1.46 10.88 5.62
CA HIS B 150 -2.49 10.66 4.61
C HIS B 150 -3.17 9.29 4.74
N ARG B 151 -2.53 8.35 5.43
CA ARG B 151 -3.05 6.99 5.52
C ARG B 151 -4.48 6.90 6.11
N PRO B 152 -4.77 7.63 7.22
CA PRO B 152 -6.16 7.62 7.72
C PRO B 152 -7.21 7.97 6.67
N ARG B 153 -6.97 9.05 5.94
CA ARG B 153 -7.94 9.53 4.97
C ARG B 153 -8.07 8.60 3.76
N VAL B 154 -6.94 8.06 3.30
CA VAL B 154 -6.98 7.18 2.14
C VAL B 154 -7.81 5.94 2.44
N GLU B 155 -7.53 5.28 3.56
CA GLU B 155 -8.27 4.10 3.96
C GLU B 155 -9.75 4.42 4.21
N ALA B 156 -10.01 5.57 4.83
CA ALA B 156 -11.37 6.00 5.10
C ALA B 156 -12.16 6.16 3.80
N LEU B 157 -11.56 6.81 2.82
CA LEU B 157 -12.22 7.03 1.55
C LEU B 157 -12.41 5.70 0.82
N LEU B 158 -11.35 4.89 0.77
CA LEU B 158 -11.42 3.62 0.06
C LEU B 158 -12.44 2.68 0.68
N ASP B 159 -12.44 2.59 2.01
CA ASP B 159 -13.39 1.71 2.69
C ASP B 159 -14.83 2.18 2.49
N ALA B 160 -15.03 3.50 2.40
CA ALA B 160 -16.36 4.09 2.23
C ALA B 160 -16.96 3.79 0.85
N GLY B 161 -16.11 3.41 -0.10
CA GLY B 161 -16.57 3.00 -1.41
C GLY B 161 -16.32 3.97 -2.56
N ALA B 162 -15.33 4.83 -2.42
CA ALA B 162 -14.98 5.75 -3.49
C ALA B 162 -14.44 4.98 -4.71
N ASP B 163 -14.85 5.41 -5.90
CA ASP B 163 -14.45 4.76 -7.12
C ASP B 163 -12.99 5.07 -7.47
N LEU B 164 -12.57 6.29 -7.14
CA LEU B 164 -11.18 6.69 -7.31
C LEU B 164 -10.81 7.82 -6.36
N LEU B 165 -9.51 8.09 -6.24
CA LEU B 165 -9.04 9.10 -5.29
C LEU B 165 -8.50 10.31 -6.01
N ALA B 166 -9.02 11.48 -5.65
CA ALA B 166 -8.57 12.74 -6.24
C ALA B 166 -7.43 13.33 -5.41
N CYS B 167 -6.20 13.04 -5.81
CA CYS B 167 -5.06 13.67 -5.15
C CYS B 167 -4.82 15.03 -5.77
N GLU B 168 -5.38 16.05 -5.14
CA GLU B 168 -5.46 17.38 -5.73
C GLU B 168 -4.72 18.48 -4.97
N THR B 169 -4.40 19.56 -5.67
CA THR B 169 -3.78 20.74 -5.08
C THR B 169 -2.43 20.43 -4.47
N LEU B 170 -1.71 19.48 -5.08
CA LEU B 170 -0.41 19.06 -4.58
C LEU B 170 0.71 19.99 -5.08
N PRO B 171 1.33 20.76 -4.16
CA PRO B 171 2.43 21.67 -4.51
C PRO B 171 3.80 21.07 -4.33
N ASN B 172 3.88 20.02 -3.50
CA ASN B 172 5.16 19.53 -3.01
C ASN B 172 5.52 18.18 -3.66
N PHE B 173 6.69 18.14 -4.29
CA PHE B 173 7.12 16.94 -4.99
C PHE B 173 7.33 15.76 -4.05
N SER B 174 7.96 16.00 -2.90
CA SER B 174 8.23 14.93 -1.95
C SER B 174 6.94 14.34 -1.41
N GLU B 175 5.96 15.20 -1.15
CA GLU B 175 4.64 14.74 -0.73
C GLU B 175 3.95 13.94 -1.83
N ILE B 176 4.20 14.32 -3.08
CA ILE B 176 3.66 13.60 -4.22
C ILE B 176 4.21 12.17 -4.28
N GLU B 177 5.52 12.00 -4.11
CA GLU B 177 6.12 10.66 -4.11
C GLU B 177 5.49 9.77 -3.06
N ALA B 178 5.41 10.31 -1.84
CA ALA B 178 4.91 9.56 -0.69
C ALA B 178 3.51 9.05 -0.93
N LEU B 179 2.73 9.84 -1.66
CA LEU B 179 1.33 9.51 -1.93
C LEU B 179 1.22 8.40 -2.98
N ALA B 180 2.06 8.48 -4.01
CA ALA B 180 2.05 7.47 -5.05
C ALA B 180 2.53 6.15 -4.48
N GLU B 181 3.47 6.22 -3.54
CA GLU B 181 3.96 5.01 -2.86
C GLU B 181 2.90 4.46 -1.94
N LEU B 182 2.31 5.33 -1.12
CA LEU B 182 1.24 4.93 -0.21
C LEU B 182 0.13 4.18 -0.93
N LEU B 183 -0.17 4.61 -2.16
CA LEU B 183 -1.26 4.01 -2.92
C LEU B 183 -1.00 2.54 -3.25
N THR B 184 0.28 2.18 -3.40
CA THR B 184 0.64 0.82 -3.78
C THR B 184 0.26 -0.18 -2.68
N ALA B 185 0.06 0.32 -1.47
CA ALA B 185 -0.40 -0.53 -0.38
C ALA B 185 -1.84 -0.99 -0.63
N TYR B 186 -2.56 -0.29 -1.49
CA TYR B 186 -3.95 -0.65 -1.79
C TYR B 186 -4.11 -0.90 -3.27
N PRO B 187 -3.79 -2.14 -3.71
CA PRO B 187 -3.65 -2.55 -5.12
C PRO B 187 -4.86 -2.24 -6.00
N ARG B 188 -6.05 -2.13 -5.41
CA ARG B 188 -7.24 -1.92 -6.22
C ARG B 188 -7.60 -0.44 -6.33
N ALA B 189 -6.89 0.40 -5.59
CA ALA B 189 -7.13 1.84 -5.62
C ALA B 189 -6.73 2.44 -6.96
N ARG B 190 -7.47 3.43 -7.41
CA ARG B 190 -7.12 4.20 -8.61
C ARG B 190 -7.19 5.68 -8.28
N ALA B 191 -6.33 6.47 -8.90
CA ALA B 191 -6.28 7.88 -8.54
C ALA B 191 -5.82 8.75 -9.68
N TRP B 192 -6.14 10.03 -9.58
CA TRP B 192 -5.52 11.02 -10.43
C TRP B 192 -4.72 11.94 -9.52
N PHE B 193 -3.74 12.62 -10.10
CA PHE B 193 -2.93 13.55 -9.33
C PHE B 193 -3.04 14.93 -9.97
N SER B 194 -3.57 15.90 -9.23
CA SER B 194 -3.65 17.24 -9.78
C SER B 194 -2.81 18.18 -8.91
N PHE B 195 -2.09 19.09 -9.54
CA PHE B 195 -1.15 19.95 -8.82
C PHE B 195 -1.43 21.45 -8.95
N THR B 196 -0.73 22.20 -8.10
CA THR B 196 -0.73 23.65 -8.21
C THR B 196 0.62 24.05 -8.79
N LEU B 197 0.71 25.21 -9.42
CA LEU B 197 1.91 25.55 -10.15
C LEU B 197 2.50 26.91 -9.79
N ARG B 198 3.81 27.02 -9.92
CA ARG B 198 4.51 28.29 -9.77
C ARG B 198 4.46 29.04 -11.09
N ASP B 199 4.65 28.29 -12.17
CA ASP B 199 4.48 28.78 -13.53
C ASP B 199 3.94 27.64 -14.37
N SER B 200 4.06 27.73 -15.69
CA SER B 200 3.50 26.72 -16.57
C SER B 200 4.34 25.45 -16.66
N GLU B 201 5.54 25.47 -16.08
CA GLU B 201 6.47 24.35 -16.20
C GLU B 201 6.94 23.81 -14.87
N HIS B 202 6.53 24.44 -13.78
CA HIS B 202 7.04 24.06 -12.48
C HIS B 202 5.95 24.00 -11.40
N LEU B 203 6.10 23.05 -10.49
CA LEU B 203 5.25 22.98 -9.30
C LEU B 203 5.43 24.21 -8.43
N SER B 204 4.51 24.40 -7.49
CA SER B 204 4.59 25.51 -6.55
C SER B 204 5.83 25.42 -5.66
N ASP B 205 6.45 24.24 -5.59
CA ASP B 205 7.68 24.07 -4.81
C ASP B 205 8.93 24.20 -5.70
N GLY B 206 8.70 24.42 -6.99
CA GLY B 206 9.79 24.70 -7.92
C GLY B 206 10.18 23.54 -8.81
N THR B 207 9.70 22.34 -8.48
CA THR B 207 10.05 21.13 -9.21
C THR B 207 9.53 21.14 -10.65
N PRO B 208 10.42 20.89 -11.62
CA PRO B 208 10.03 20.78 -13.03
C PRO B 208 9.01 19.67 -13.26
N LEU B 209 7.99 19.94 -14.07
CA LEU B 209 6.92 18.98 -14.33
C LEU B 209 7.42 17.70 -14.98
N ARG B 210 8.54 17.77 -15.68
CA ARG B 210 9.09 16.61 -16.36
C ARG B 210 9.59 15.60 -15.33
N ASP B 211 9.80 16.08 -14.10
CA ASP B 211 10.20 15.21 -13.00
C ASP B 211 8.98 14.57 -12.35
N VAL B 212 7.92 15.37 -12.21
CA VAL B 212 6.66 14.87 -11.65
C VAL B 212 6.04 13.82 -12.54
N VAL B 213 6.06 14.06 -13.86
CA VAL B 213 5.52 13.09 -14.80
C VAL B 213 6.35 11.82 -14.86
N ALA B 214 7.67 11.98 -14.94
CA ALA B 214 8.58 10.83 -15.05
C ALA B 214 8.42 9.90 -13.85
N LEU B 215 8.22 10.50 -12.67
CA LEU B 215 7.97 9.74 -11.46
C LEU B 215 6.66 9.00 -11.53
N LEU B 216 5.58 9.72 -11.78
CA LEU B 216 4.25 9.15 -11.71
C LEU B 216 4.00 8.16 -12.85
N ALA B 217 4.85 8.19 -13.88
CA ALA B 217 4.72 7.28 -15.01
C ALA B 217 5.06 5.86 -14.58
N GLY B 218 5.85 5.73 -13.53
CA GLY B 218 6.17 4.44 -12.97
C GLY B 218 5.10 3.90 -12.04
N TYR B 219 3.99 4.63 -11.90
CA TYR B 219 2.91 4.22 -11.00
C TYR B 219 1.57 4.05 -11.72
N PRO B 220 1.31 2.84 -12.23
CA PRO B 220 0.11 2.49 -13.00
C PRO B 220 -1.20 2.84 -12.29
N GLN B 221 -1.19 2.91 -10.97
CA GLN B 221 -2.42 3.24 -10.25
C GLN B 221 -2.83 4.68 -10.53
N VAL B 222 -1.84 5.53 -10.81
CA VAL B 222 -2.11 6.89 -11.24
C VAL B 222 -2.65 6.88 -12.67
N VAL B 223 -3.94 7.15 -12.82
CA VAL B 223 -4.61 6.98 -14.10
C VAL B 223 -4.90 8.29 -14.82
N ALA B 224 -4.54 9.41 -14.20
CA ALA B 224 -4.73 10.73 -14.79
C ALA B 224 -3.93 11.81 -14.08
N LEU B 225 -3.58 12.86 -14.80
CA LEU B 225 -2.76 13.94 -14.28
C LEU B 225 -3.39 15.27 -14.64
N GLY B 226 -3.02 16.32 -13.94
CA GLY B 226 -3.49 17.64 -14.31
C GLY B 226 -3.34 18.71 -13.26
N ILE B 227 -4.19 19.72 -13.36
CA ILE B 227 -4.11 20.88 -12.48
C ILE B 227 -5.48 21.26 -11.95
N ASN B 228 -5.49 21.89 -10.77
CA ASN B 228 -6.73 22.40 -10.19
C ASN B 228 -6.44 23.55 -9.24
N CYS B 229 -7.49 24.20 -8.74
CA CYS B 229 -7.38 25.37 -7.88
C CYS B 229 -6.37 26.36 -8.44
N ILE B 230 -6.62 26.79 -9.68
CA ILE B 230 -5.69 27.61 -10.42
C ILE B 230 -6.50 28.68 -11.15
N ALA B 231 -5.88 29.80 -11.51
CA ALA B 231 -6.56 30.84 -12.28
C ALA B 231 -6.79 30.38 -13.71
N LEU B 232 -7.91 30.82 -14.28
CA LEU B 232 -8.30 30.45 -15.64
C LEU B 232 -7.24 30.76 -16.69
N GLU B 233 -6.59 31.91 -16.55
CA GLU B 233 -5.64 32.36 -17.56
C GLU B 233 -4.26 31.75 -17.35
N ASN B 234 -4.19 30.74 -16.48
CA ASN B 234 -2.95 30.01 -16.27
C ASN B 234 -3.08 28.54 -16.63
N THR B 235 -4.29 28.14 -17.02
CA THR B 235 -4.58 26.74 -17.28
C THR B 235 -3.99 26.21 -18.58
N THR B 236 -4.21 26.94 -19.67
CA THR B 236 -3.94 26.43 -21.02
C THR B 236 -2.45 26.20 -21.28
N ALA B 237 -1.60 27.13 -20.85
CA ALA B 237 -0.16 26.96 -21.02
C ALA B 237 0.32 25.73 -20.26
N ALA B 238 -0.19 25.58 -19.03
CA ALA B 238 0.19 24.45 -18.20
C ALA B 238 -0.21 23.15 -18.87
N LEU B 239 -1.45 23.09 -19.35
CA LEU B 239 -1.92 21.90 -20.02
C LEU B 239 -1.09 21.59 -21.26
N GLN B 240 -0.75 22.64 -22.00
CA GLN B 240 0.03 22.49 -23.22
C GLN B 240 1.38 21.84 -22.94
N HIS B 241 1.99 22.20 -21.81
CA HIS B 241 3.28 21.61 -21.46
C HIS B 241 3.14 20.13 -21.12
N LEU B 242 2.22 19.82 -20.21
CA LEU B 242 1.94 18.43 -19.84
C LEU B 242 1.58 17.59 -21.07
N HIS B 243 0.88 18.21 -22.01
CA HIS B 243 0.46 17.56 -23.26
C HIS B 243 1.64 16.96 -24.01
N GLY B 244 2.82 17.55 -23.82
CA GLY B 244 4.01 17.06 -24.50
C GLY B 244 4.75 15.99 -23.72
N LEU B 245 4.37 15.80 -22.45
CA LEU B 245 5.06 14.89 -21.53
C LEU B 245 4.33 13.58 -21.26
N THR B 246 3.01 13.55 -21.49
CA THR B 246 2.23 12.34 -21.25
C THR B 246 0.99 12.28 -22.15
N VAL B 247 0.51 11.07 -22.40
CA VAL B 247 -0.74 10.90 -23.12
C VAL B 247 -1.81 10.32 -22.19
N LEU B 248 -1.53 10.39 -20.89
CA LEU B 248 -2.55 10.15 -19.89
C LEU B 248 -3.62 11.22 -20.00
N PRO B 249 -4.88 10.88 -19.68
CA PRO B 249 -5.94 11.88 -19.70
C PRO B 249 -5.63 13.03 -18.76
N LEU B 250 -5.74 14.26 -19.23
CA LEU B 250 -5.39 15.39 -18.39
C LEU B 250 -6.60 15.88 -17.61
N VAL B 251 -6.37 16.30 -16.38
CA VAL B 251 -7.44 16.73 -15.49
C VAL B 251 -7.34 18.24 -15.28
N VAL B 252 -8.45 18.95 -15.46
CA VAL B 252 -8.42 20.39 -15.24
C VAL B 252 -9.70 20.87 -14.56
N TYR B 253 -9.53 21.51 -13.41
CA TYR B 253 -10.63 22.24 -12.80
C TYR B 253 -10.10 23.41 -11.98
N PRO B 254 -10.14 24.61 -12.58
CA PRO B 254 -9.64 25.86 -12.02
C PRO B 254 -10.71 26.61 -11.24
N ASN B 255 -10.34 27.79 -10.75
CA ASN B 255 -11.28 28.68 -10.06
C ASN B 255 -12.14 29.44 -11.06
N SER B 256 -13.21 30.05 -10.57
CA SER B 256 -14.08 30.83 -11.44
C SER B 256 -13.42 32.16 -11.79
N GLY B 257 -13.83 32.75 -12.91
CA GLY B 257 -13.28 34.01 -13.35
C GLY B 257 -13.89 35.19 -12.63
N GLN B 276 -16.16 32.82 -19.23
CA GLN B 276 -16.74 31.54 -18.87
C GLN B 276 -15.69 30.44 -18.84
N LEU B 277 -15.90 29.49 -17.96
CA LEU B 277 -15.02 28.34 -17.82
C LEU B 277 -15.24 27.41 -19.00
N ALA B 278 -16.49 27.35 -19.46
CA ALA B 278 -16.84 26.51 -20.60
C ALA B 278 -16.30 27.07 -21.92
N ASP B 279 -15.77 28.29 -21.88
CA ASP B 279 -15.24 28.91 -23.08
C ASP B 279 -13.86 28.40 -23.40
N TYR B 280 -13.19 27.85 -22.40
CA TYR B 280 -11.85 27.32 -22.60
C TYR B 280 -11.87 25.87 -23.08
N LEU B 281 -13.03 25.23 -22.95
CA LEU B 281 -13.18 23.81 -23.26
C LEU B 281 -12.52 23.34 -24.58
N PRO B 282 -12.64 24.13 -25.66
CA PRO B 282 -11.91 23.68 -26.85
C PRO B 282 -10.38 23.69 -26.70
N GLN B 283 -9.83 24.80 -26.19
CA GLN B 283 -8.39 24.94 -25.98
C GLN B 283 -7.89 23.81 -25.10
N TRP B 284 -8.59 23.58 -23.99
CA TRP B 284 -8.24 22.57 -23.02
C TRP B 284 -8.29 21.15 -23.61
N GLN B 285 -9.38 20.84 -24.30
CA GLN B 285 -9.53 19.52 -24.92
C GLN B 285 -8.41 19.25 -25.94
N ALA B 286 -8.03 20.29 -26.65
CA ALA B 286 -6.96 20.22 -27.63
C ALA B 286 -5.61 19.99 -26.96
N ALA B 287 -5.53 20.37 -25.68
CA ALA B 287 -4.31 20.20 -24.89
C ALA B 287 -4.28 18.85 -24.16
N GLY B 288 -5.18 17.95 -24.53
CA GLY B 288 -5.19 16.60 -23.98
C GLY B 288 -6.06 16.43 -22.76
N ALA B 289 -6.81 17.48 -22.41
CA ALA B 289 -7.69 17.43 -21.24
C ALA B 289 -8.92 16.57 -21.52
N ARG B 290 -9.25 15.68 -20.59
CA ARG B 290 -10.41 14.82 -20.76
C ARG B 290 -11.28 14.81 -19.50
N LEU B 291 -10.73 15.31 -18.40
CA LEU B 291 -11.53 15.45 -17.19
C LEU B 291 -11.59 16.92 -16.81
N ILE B 292 -12.79 17.49 -16.91
CA ILE B 292 -12.98 18.93 -16.74
C ILE B 292 -14.11 19.26 -15.76
N GLY B 293 -13.88 20.26 -14.93
CA GLY B 293 -14.85 20.70 -13.94
C GLY B 293 -14.40 22.05 -13.42
N GLY B 294 -14.82 22.39 -12.21
CA GLY B 294 -14.45 23.66 -11.64
C GLY B 294 -14.04 23.54 -10.19
N CYS B 295 -13.37 24.56 -9.68
CA CYS B 295 -12.91 24.58 -8.29
C CYS B 295 -13.61 25.73 -7.55
N CYS B 296 -12.85 26.53 -6.81
CA CYS B 296 -13.41 27.64 -6.06
C CYS B 296 -14.32 28.53 -6.89
N ARG B 297 -15.37 29.03 -6.23
CA ARG B 297 -16.34 29.98 -6.79
C ARG B 297 -17.09 29.43 -8.01
N THR B 298 -17.14 28.12 -8.17
CA THR B 298 -17.86 27.54 -9.31
C THR B 298 -19.18 26.96 -8.81
N THR B 299 -20.17 26.86 -9.69
CA THR B 299 -21.51 26.41 -9.33
C THR B 299 -22.03 25.42 -10.37
N PRO B 300 -23.11 24.70 -10.08
CA PRO B 300 -23.70 23.82 -11.08
C PRO B 300 -23.95 24.49 -12.43
N ALA B 301 -24.02 25.82 -12.44
CA ALA B 301 -24.23 26.56 -13.68
C ALA B 301 -23.02 26.40 -14.60
N ASP B 302 -21.83 26.54 -14.05
CA ASP B 302 -20.61 26.35 -14.85
C ASP B 302 -20.55 24.94 -15.45
N ILE B 303 -20.94 23.94 -14.68
CA ILE B 303 -20.97 22.57 -15.17
C ILE B 303 -22.07 22.41 -16.24
N ALA B 304 -23.17 23.13 -16.04
CA ALA B 304 -24.26 23.12 -17.00
C ALA B 304 -23.79 23.72 -18.33
N ALA B 305 -22.97 24.75 -18.25
CA ALA B 305 -22.38 25.38 -19.42
C ALA B 305 -21.49 24.40 -20.18
N LEU B 306 -20.69 23.62 -19.45
CA LEU B 306 -19.78 22.66 -20.07
C LEU B 306 -20.55 21.59 -20.83
N LYS B 307 -21.59 21.06 -20.20
CA LYS B 307 -22.45 20.03 -20.78
C LYS B 307 -22.91 20.45 -22.16
N ALA B 308 -23.36 21.71 -22.25
CA ALA B 308 -23.86 22.26 -23.51
C ALA B 308 -22.77 22.38 -24.58
N ARG B 309 -21.59 22.86 -24.17
CA ARG B 309 -20.50 23.09 -25.12
C ARG B 309 -19.83 21.78 -25.57
N SER B 310 -20.32 20.65 -25.06
CA SER B 310 -19.81 19.34 -25.50
C SER B 310 -20.94 18.44 -25.94
S SO4 C . 29.09 -24.69 -8.42
O1 SO4 C . 30.51 -24.28 -8.41
O2 SO4 C . 29.04 -26.15 -8.29
O3 SO4 C . 28.39 -24.05 -7.31
O4 SO4 C . 28.44 -24.31 -9.68
S SO4 D . -7.99 3.75 15.74
O1 SO4 D . -6.56 4.05 15.80
O2 SO4 D . -8.22 2.44 16.36
O3 SO4 D . -8.73 4.81 16.44
O4 SO4 D . -8.39 3.71 14.32
#